data_1IA3
#
_entry.id   1IA3
#
_cell.length_a   76.91
_cell.length_b   67.28
_cell.length_c   38.49
_cell.angle_alpha   90.00
_cell.angle_beta   93.07
_cell.angle_gamma   90.00
#
_symmetry.space_group_name_H-M   'P 1 21 1'
#
loop_
_entity.id
_entity.type
_entity.pdbx_description
1 polymer 'DIHYDROFOLATE REDUCTASE'
2 non-polymer 'NADPH DIHYDRO-NICOTINAMIDE-ADENINE-DINUCLEOTIDE PHOSPHATE'
3 non-polymer 5-[4-TERT-BUTYLPHENYLSULFANYL]-2,4-QUINAZOLINEDIAMINE
4 non-polymer '2-(N-MORPHOLINO)-ETHANESULFONIC ACID'
5 water water
#
_entity_poly.entity_id   1
_entity_poly.type   'polypeptide(L)'
_entity_poly.pdbx_seq_one_letter_code
;MLKPNVAIIVAALKPALGIGYKGKMPWRLRKEIRYFKDVTTRTTKPNTRNAVIMGRKTWESIPQKFRPLPDRLNIILSRS
YENEIIDDNIIHASSIESSLNLVSDVERVFIIGGAEIYNELINNSLVSHLLITEIEHPSPESIEMDTFLKFPLESWTKQP
KSELQKFVGDTVLEDDIKEGDFTYNYTLWTRK
;
_entity_poly.pdbx_strand_id   A,B
#
loop_
_chem_comp.id
_chem_comp.type
_chem_comp.name
_chem_comp.formula
MES non-polymer '2-(N-MORPHOLINO)-ETHANESULFONIC ACID' 'C6 H13 N O4 S'
NDP non-polymer 'NADPH DIHYDRO-NICOTINAMIDE-ADENINE-DINUCLEOTIDE PHOSPHATE' 'C21 H30 N7 O17 P3'
TQ5 non-polymer 5-[4-TERT-BUTYLPHENYLSULFANYL]-2,4-QUINAZOLINEDIAMINE 'C18 H20 N4 S'
#
# COMPACT_ATOMS: atom_id res chain seq x y z
N MET A 1 5.76 16.16 -4.44
CA MET A 1 5.90 14.74 -4.05
C MET A 1 4.69 13.96 -4.57
N LEU A 2 4.89 12.86 -5.30
CA LEU A 2 3.81 12.08 -5.89
C LEU A 2 3.37 10.89 -5.06
N LYS A 3 2.12 10.75 -4.74
CA LYS A 3 1.53 9.63 -4.00
C LYS A 3 2.38 9.03 -2.88
N PRO A 4 2.78 9.88 -1.92
CA PRO A 4 3.52 9.42 -0.74
C PRO A 4 2.60 8.55 0.12
N ASN A 5 3.18 7.71 0.92
CA ASN A 5 2.46 6.88 1.92
C ASN A 5 2.20 7.85 3.10
N VAL A 6 1.03 7.88 3.63
CA VAL A 6 0.70 8.83 4.73
C VAL A 6 0.31 8.00 5.97
N ALA A 7 0.59 8.55 7.12
CA ALA A 7 0.22 7.84 8.37
C ALA A 7 -0.70 8.78 9.19
N ILE A 8 -1.63 8.20 9.90
CA ILE A 8 -2.47 9.02 10.81
C ILE A 8 -1.84 8.70 12.19
N ILE A 9 -1.71 9.76 13.00
CA ILE A 9 -1.25 9.49 14.39
C ILE A 9 -2.32 10.11 15.32
N VAL A 10 -2.80 9.28 16.27
CA VAL A 10 -3.87 9.69 17.17
C VAL A 10 -3.78 8.92 18.51
N ALA A 11 -4.37 9.55 19.50
CA ALA A 11 -4.44 8.97 20.88
C ALA A 11 -5.93 8.82 21.16
N ALA A 12 -6.36 7.61 21.51
CA ALA A 12 -7.85 7.40 21.71
C ALA A 12 -8.08 6.48 22.91
N LEU A 13 -9.15 6.78 23.64
CA LEU A 13 -9.53 6.03 24.85
C LEU A 13 -10.44 4.89 24.47
N LYS A 14 -10.03 3.71 24.91
CA LYS A 14 -10.85 2.49 24.63
C LYS A 14 -11.97 2.42 25.67
N PRO A 15 -13.09 1.81 25.31
CA PRO A 15 -13.35 1.09 24.07
C PRO A 15 -13.98 1.89 22.95
N ALA A 16 -14.55 3.02 23.24
CA ALA A 16 -15.28 3.84 22.26
C ALA A 16 -14.45 4.63 21.29
N LEU A 17 -13.15 4.74 21.57
CA LEU A 17 -12.24 5.53 20.75
C LEU A 17 -12.61 7.00 20.78
N GLY A 18 -12.81 7.50 22.00
CA GLY A 18 -13.03 8.91 22.28
C GLY A 18 -11.72 9.63 22.08
N ILE A 19 -11.73 10.80 21.46
CA ILE A 19 -10.52 11.58 21.21
C ILE A 19 -10.50 12.98 21.75
N GLY A 20 -11.67 13.47 22.19
CA GLY A 20 -11.73 14.86 22.62
C GLY A 20 -13.07 15.23 23.26
N TYR A 21 -12.98 16.42 23.78
CA TYR A 21 -14.08 17.11 24.45
C TYR A 21 -13.98 18.60 24.28
N LYS A 22 -14.90 19.14 23.47
CA LYS A 22 -14.95 20.58 23.23
C LYS A 22 -13.62 21.14 22.81
N GLY A 23 -13.04 20.48 21.79
CA GLY A 23 -11.81 20.90 21.16
C GLY A 23 -10.52 20.51 21.83
N LYS A 24 -10.61 19.75 22.92
CA LYS A 24 -9.40 19.35 23.67
C LYS A 24 -9.30 17.93 24.06
N MET A 25 -8.05 17.47 24.27
CA MET A 25 -7.87 16.06 24.75
C MET A 25 -8.30 16.07 26.23
N PRO A 26 -9.14 15.12 26.58
CA PRO A 26 -9.67 14.93 27.92
C PRO A 26 -8.65 14.47 28.96
N TRP A 27 -7.38 14.40 28.59
CA TRP A 27 -6.28 13.90 29.43
C TRP A 27 -5.04 14.71 29.13
N ARG A 28 -4.07 14.58 30.06
CA ARG A 28 -2.76 15.21 29.88
C ARG A 28 -1.77 14.08 30.19
N LEU A 29 -1.26 13.49 29.14
CA LEU A 29 -0.31 12.37 29.20
C LEU A 29 0.99 12.95 28.66
N ARG A 30 1.86 13.25 29.62
CA ARG A 30 3.14 13.91 29.30
C ARG A 30 4.09 13.04 28.50
N LYS A 31 4.12 11.73 28.80
CA LYS A 31 5.06 10.92 28.00
C LYS A 31 4.50 10.75 26.57
N GLU A 32 3.20 10.67 26.45
CA GLU A 32 2.56 10.49 25.10
C GLU A 32 2.82 11.70 24.23
N ILE A 33 2.78 12.92 24.75
CA ILE A 33 3.09 14.13 23.98
C ILE A 33 4.54 14.05 23.46
N ARG A 34 5.41 13.56 24.36
CA ARG A 34 6.83 13.43 23.95
C ARG A 34 7.01 12.48 22.79
N TYR A 35 6.34 11.35 22.82
CA TYR A 35 6.38 10.32 21.74
C TYR A 35 5.86 10.99 20.43
N PHE A 36 4.76 11.66 20.54
CA PHE A 36 4.16 12.40 19.38
C PHE A 36 5.22 13.29 18.77
N LYS A 37 5.89 14.09 19.56
CA LYS A 37 6.95 14.96 19.08
C LYS A 37 8.07 14.19 18.45
N ASP A 38 8.64 13.19 19.11
CA ASP A 38 9.74 12.42 18.52
C ASP A 38 9.39 11.75 17.19
N VAL A 39 8.28 11.02 17.19
CA VAL A 39 7.88 10.29 15.99
C VAL A 39 7.66 11.23 14.83
N THR A 40 6.93 12.31 15.10
CA THR A 40 6.65 13.26 13.98
C THR A 40 7.84 14.05 13.58
N THR A 41 8.90 14.12 14.40
CA THR A 41 10.05 14.93 14.01
C THR A 41 11.17 14.11 13.39
N ARG A 42 11.45 12.93 13.92
CA ARG A 42 12.60 12.16 13.40
C ARG A 42 12.53 11.69 11.97
N THR A 43 13.75 11.81 11.37
CA THR A 43 14.03 11.44 10.00
C THR A 43 15.33 10.63 9.93
N THR A 44 15.47 9.92 8.84
CA THR A 44 16.68 9.05 8.64
C THR A 44 17.48 9.54 7.45
N LYS A 45 16.78 10.03 6.44
CA LYS A 45 17.41 10.63 5.23
C LYS A 45 17.98 11.97 5.66
N PRO A 46 19.03 12.41 4.96
CA PRO A 46 19.79 13.59 5.27
C PRO A 46 19.20 14.95 5.28
N ASN A 47 18.82 15.44 4.12
CA ASN A 47 18.32 16.86 4.10
C ASN A 47 16.82 16.84 4.08
N THR A 48 16.24 15.96 4.95
CA THR A 48 14.75 15.90 4.90
C THR A 48 14.12 16.26 6.24
N ARG A 49 12.83 16.44 6.12
CA ARG A 49 11.99 16.68 7.33
C ARG A 49 10.68 15.93 7.07
N ASN A 50 9.86 15.87 8.11
CA ASN A 50 8.55 15.23 7.97
C ASN A 50 7.49 16.36 7.83
N ALA A 51 6.34 16.02 7.35
CA ALA A 51 5.25 17.01 7.23
C ALA A 51 4.12 16.57 8.16
N VAL A 52 3.47 17.53 8.78
CA VAL A 52 2.30 17.29 9.64
C VAL A 52 1.09 17.94 8.97
N ILE A 53 0.05 17.26 8.78
CA ILE A 53 -1.21 17.82 8.17
C ILE A 53 -2.24 17.92 9.28
N MET A 54 -2.93 19.05 9.27
CA MET A 54 -3.98 19.30 10.28
C MET A 54 -5.09 20.13 9.68
N GLY A 55 -6.24 20.06 10.26
CA GLY A 55 -7.43 20.87 9.90
C GLY A 55 -7.27 22.27 10.47
N ARG A 56 -7.98 23.22 9.78
CA ARG A 56 -7.86 24.63 10.21
C ARG A 56 -8.25 24.79 11.66
N LYS A 57 -9.25 24.13 12.15
CA LYS A 57 -9.67 24.35 13.58
C LYS A 57 -8.58 23.93 14.56
N THR A 58 -7.89 22.84 14.30
CA THR A 58 -6.74 22.38 15.10
C THR A 58 -5.65 23.44 15.09
N TRP A 59 -5.25 23.96 13.93
CA TRP A 59 -4.27 25.00 13.75
C TRP A 59 -4.63 26.21 14.64
N GLU A 60 -5.85 26.66 14.48
CA GLU A 60 -6.33 27.79 15.25
C GLU A 60 -6.32 27.58 16.75
N SER A 61 -6.48 26.34 17.18
CA SER A 61 -6.46 25.99 18.59
C SER A 61 -5.08 26.07 19.15
N ILE A 62 -4.02 26.02 18.39
CA ILE A 62 -2.65 26.13 18.95
C ILE A 62 -2.39 27.64 19.16
N PRO A 63 -1.93 27.98 20.36
CA PRO A 63 -1.62 29.41 20.67
C PRO A 63 -0.65 29.90 19.63
N GLN A 64 -0.93 31.09 19.11
CA GLN A 64 -0.17 31.71 18.01
C GLN A 64 1.31 31.65 18.14
N LYS A 65 1.83 31.82 19.33
CA LYS A 65 3.26 31.81 19.67
C LYS A 65 3.84 30.40 19.53
N PHE A 66 3.00 29.39 19.61
CA PHE A 66 3.41 27.98 19.49
C PHE A 66 3.23 27.30 18.14
N ARG A 67 2.96 28.11 17.14
CA ARG A 67 2.76 27.60 15.76
C ARG A 67 3.68 28.40 14.87
N PRO A 68 4.23 27.78 13.80
CA PRO A 68 3.97 26.39 13.42
C PRO A 68 4.69 25.42 14.36
N LEU A 69 4.31 24.16 14.32
CA LEU A 69 5.08 23.14 15.13
C LEU A 69 6.47 23.09 14.61
N PRO A 70 7.47 23.26 15.46
CA PRO A 70 8.86 23.34 14.98
C PRO A 70 9.40 22.07 14.40
N ASP A 71 10.37 22.22 13.50
CA ASP A 71 11.13 21.16 12.89
C ASP A 71 10.33 20.25 11.93
N ARG A 72 9.15 20.66 11.57
CA ARG A 72 8.34 19.88 10.62
C ARG A 72 7.66 20.93 9.68
N LEU A 73 7.41 20.41 8.47
CA LEU A 73 6.60 21.26 7.54
C LEU A 73 5.15 21.16 8.01
N ASN A 74 4.49 22.29 8.29
CA ASN A 74 3.08 22.25 8.71
C ASN A 74 2.18 22.55 7.47
N ILE A 75 1.22 21.63 7.34
CA ILE A 75 0.23 21.78 6.29
C ILE A 75 -1.14 21.98 6.94
N ILE A 76 -1.86 23.01 6.54
CA ILE A 76 -3.18 23.26 7.13
C ILE A 76 -4.23 23.18 6.01
N LEU A 77 -5.24 22.38 6.22
CA LEU A 77 -6.30 22.25 5.22
C LEU A 77 -7.55 23.06 5.62
N SER A 78 -8.09 23.67 4.56
CA SER A 78 -9.40 24.38 4.73
C SER A 78 -10.00 24.32 3.30
N ARG A 79 -11.31 24.11 3.26
CA ARG A 79 -12.01 24.12 1.95
C ARG A 79 -11.99 25.49 1.28
N SER A 80 -11.71 26.53 2.06
CA SER A 80 -11.63 27.93 1.63
C SER A 80 -10.23 28.33 1.21
N TYR A 81 -9.22 27.48 1.46
CA TYR A 81 -7.86 27.85 1.10
C TYR A 81 -7.48 27.60 -0.34
N GLU A 82 -6.62 28.51 -0.75
CA GLU A 82 -5.93 28.35 -2.06
C GLU A 82 -4.68 27.55 -1.76
N ASN A 83 -4.16 26.85 -2.74
CA ASN A 83 -2.94 26.02 -2.58
C ASN A 83 -1.80 27.02 -2.66
N GLU A 84 -1.18 27.32 -1.54
CA GLU A 84 -0.16 28.37 -1.43
C GLU A 84 0.91 27.99 -0.40
N ILE A 85 2.15 28.39 -0.70
CA ILE A 85 3.29 28.22 0.20
C ILE A 85 3.32 29.55 0.96
N ILE A 86 3.08 29.50 2.24
CA ILE A 86 3.15 30.73 3.05
C ILE A 86 4.60 31.08 3.27
N ASP A 87 5.32 30.15 3.85
CA ASP A 87 6.78 30.27 4.06
C ASP A 87 7.34 28.83 3.97
N ASP A 88 8.62 28.70 4.31
CA ASP A 88 9.27 27.39 4.26
C ASP A 88 8.68 26.37 5.24
N ASN A 89 7.92 26.81 6.25
CA ASN A 89 7.34 25.91 7.22
C ASN A 89 5.83 25.75 7.15
N ILE A 90 5.17 26.62 6.40
CA ILE A 90 3.70 26.60 6.37
C ILE A 90 3.18 26.55 4.89
N ILE A 91 2.28 25.62 4.72
CA ILE A 91 1.55 25.40 3.48
C ILE A 91 0.05 25.46 3.74
N HIS A 92 -0.65 26.14 2.88
CA HIS A 92 -2.12 26.18 2.90
C HIS A 92 -2.61 25.36 1.70
N ALA A 93 -3.66 24.58 1.91
CA ALA A 93 -4.19 23.75 0.79
C ALA A 93 -5.61 23.41 1.05
N SER A 94 -6.36 23.01 0.00
CA SER A 94 -7.75 22.58 0.16
C SER A 94 -7.91 21.08 0.11
N SER A 95 -6.83 20.34 -0.22
CA SER A 95 -6.91 18.89 -0.22
C SER A 95 -5.49 18.33 0.11
N ILE A 96 -5.51 17.12 0.66
CA ILE A 96 -4.20 16.51 1.04
C ILE A 96 -3.35 16.32 -0.18
N GLU A 97 -3.96 15.83 -1.26
CA GLU A 97 -3.15 15.58 -2.46
C GLU A 97 -2.58 16.78 -3.08
N SER A 98 -3.35 17.86 -3.17
CA SER A 98 -2.89 19.14 -3.68
C SER A 98 -1.75 19.65 -2.82
N SER A 99 -1.89 19.47 -1.50
CA SER A 99 -0.83 19.99 -0.62
C SER A 99 0.52 19.29 -0.92
N LEU A 100 0.41 17.96 -1.14
CA LEU A 100 1.68 17.18 -1.37
C LEU A 100 2.39 17.52 -2.64
N ASN A 101 1.66 18.10 -3.60
CA ASN A 101 2.28 18.55 -4.85
C ASN A 101 3.23 19.67 -4.61
N LEU A 102 3.09 20.43 -3.54
CA LEU A 102 3.94 21.59 -3.25
C LEU A 102 5.16 21.27 -2.38
N VAL A 103 5.31 20.00 -2.02
CA VAL A 103 6.42 19.63 -1.14
C VAL A 103 7.51 18.84 -1.89
N SER A 104 8.70 19.04 -1.34
CA SER A 104 9.92 18.30 -1.75
C SER A 104 10.82 18.15 -0.51
N ASP A 105 11.65 17.12 -0.51
CA ASP A 105 12.59 16.85 0.60
C ASP A 105 11.82 16.57 1.91
N VAL A 106 10.75 15.81 1.74
CA VAL A 106 9.95 15.34 2.86
C VAL A 106 10.15 13.82 2.95
N GLU A 107 10.39 13.37 4.13
CA GLU A 107 10.53 11.91 4.37
C GLU A 107 9.18 11.28 4.68
N ARG A 108 8.56 11.57 5.81
CA ARG A 108 7.23 10.98 6.08
C ARG A 108 6.14 12.04 6.25
N VAL A 109 4.96 11.65 6.07
CA VAL A 109 3.82 12.60 6.21
C VAL A 109 2.88 12.03 7.25
N PHE A 110 2.44 12.88 8.17
CA PHE A 110 1.56 12.43 9.23
C PHE A 110 0.30 13.35 9.26
N ILE A 111 -0.81 12.75 9.39
CA ILE A 111 -2.11 13.47 9.63
C ILE A 111 -2.22 13.51 11.16
N ILE A 112 -2.32 14.73 11.68
CA ILE A 112 -2.37 14.88 13.15
C ILE A 112 -3.66 15.25 13.77
N GLY A 113 -4.72 15.53 13.01
CA GLY A 113 -6.01 15.85 13.52
C GLY A 113 -6.60 17.09 12.82
N GLY A 114 -7.78 17.53 13.26
CA GLY A 114 -8.51 16.90 14.36
C GLY A 114 -9.54 15.89 13.92
N ALA A 115 -10.68 15.90 14.65
CA ALA A 115 -11.73 14.88 14.48
C ALA A 115 -12.28 14.74 13.08
N GLU A 116 -12.61 15.87 12.46
CA GLU A 116 -13.14 15.85 11.10
C GLU A 116 -12.11 15.35 10.14
N ILE A 117 -10.90 15.84 10.24
CA ILE A 117 -9.80 15.37 9.34
C ILE A 117 -9.61 13.88 9.44
N TYR A 118 -9.49 13.36 10.68
CA TYR A 118 -9.32 11.93 10.87
C TYR A 118 -10.38 11.08 10.19
N ASN A 119 -11.63 11.40 10.48
CA ASN A 119 -12.81 10.68 10.03
C ASN A 119 -13.01 10.73 8.54
N GLU A 120 -12.55 11.78 7.92
CA GLU A 120 -12.64 11.92 6.45
C GLU A 120 -11.46 11.26 5.74
N LEU A 121 -10.22 11.46 6.18
CA LEU A 121 -9.02 10.97 5.56
C LEU A 121 -8.67 9.54 5.77
N ILE A 122 -9.28 8.88 6.77
CA ILE A 122 -9.05 7.45 6.97
C ILE A 122 -9.45 6.67 5.68
N ASN A 123 -10.36 7.25 4.89
CA ASN A 123 -10.84 6.57 3.72
C ASN A 123 -10.07 6.92 2.45
N ASN A 124 -9.03 7.67 2.56
CA ASN A 124 -8.21 8.06 1.40
C ASN A 124 -7.14 6.94 1.34
N SER A 125 -7.01 6.39 0.13
CA SER A 125 -6.03 5.28 -0.07
C SER A 125 -4.61 5.68 0.06
N LEU A 126 -4.28 6.97 0.14
CA LEU A 126 -2.90 7.41 0.45
C LEU A 126 -2.56 6.99 1.91
N VAL A 127 -3.54 6.86 2.74
CA VAL A 127 -3.28 6.49 4.17
C VAL A 127 -2.94 4.99 4.24
N SER A 128 -1.69 4.71 4.60
CA SER A 128 -1.21 3.36 4.70
C SER A 128 -0.93 2.87 6.11
N HIS A 129 -0.76 3.75 7.08
CA HIS A 129 -0.42 3.31 8.45
C HIS A 129 -1.21 4.13 9.50
N LEU A 130 -1.63 3.42 10.55
CA LEU A 130 -2.27 4.13 11.68
C LEU A 130 -1.37 3.97 12.91
N LEU A 131 -0.97 5.04 13.52
CA LEU A 131 -0.21 5.01 14.80
C LEU A 131 -1.24 5.46 15.85
N ILE A 132 -1.79 4.47 16.55
CA ILE A 132 -2.84 4.69 17.52
C ILE A 132 -2.30 4.42 18.94
N THR A 133 -2.44 5.46 19.75
CA THR A 133 -2.04 5.20 21.19
C THR A 133 -3.36 4.75 21.84
N GLU A 134 -3.33 3.52 22.32
CA GLU A 134 -4.62 2.99 22.90
C GLU A 134 -4.51 3.24 24.43
N ILE A 135 -5.45 4.04 24.85
CA ILE A 135 -5.52 4.48 26.27
C ILE A 135 -6.62 3.68 26.94
N GLU A 136 -6.30 3.29 28.19
CA GLU A 136 -7.28 2.53 28.99
C GLU A 136 -7.46 3.24 30.31
N HIS A 137 -8.66 3.15 30.89
CA HIS A 137 -8.93 3.85 32.20
C HIS A 137 -9.90 2.94 32.95
N PRO A 138 -9.85 2.93 34.27
CA PRO A 138 -10.77 2.08 35.06
C PRO A 138 -12.23 2.40 34.85
N SER A 139 -12.57 3.63 34.66
CA SER A 139 -13.98 4.12 34.48
C SER A 139 -14.09 5.07 33.30
N PRO A 140 -14.04 4.50 32.08
CA PRO A 140 -14.05 5.26 30.84
C PRO A 140 -15.19 6.25 30.74
N GLU A 141 -16.30 5.85 31.33
CA GLU A 141 -17.55 6.60 31.32
C GLU A 141 -17.55 7.87 32.14
N SER A 142 -16.61 7.95 33.06
CA SER A 142 -16.50 9.16 33.92
C SER A 142 -15.80 10.26 33.19
N ILE A 143 -15.19 9.88 32.05
CA ILE A 143 -14.47 10.91 31.24
C ILE A 143 -15.44 11.47 30.21
N GLU A 144 -15.64 12.78 30.30
CA GLU A 144 -16.54 13.46 29.34
C GLU A 144 -15.82 13.66 28.00
N MET A 145 -16.52 13.19 26.98
CA MET A 145 -16.01 13.24 25.59
C MET A 145 -17.19 13.46 24.62
N ASP A 146 -16.86 14.20 23.59
CA ASP A 146 -17.82 14.53 22.55
C ASP A 146 -17.43 14.06 21.16
N THR A 147 -16.19 13.74 20.90
CA THR A 147 -15.71 13.31 19.57
C THR A 147 -15.09 11.93 19.67
N PHE A 148 -15.33 11.17 18.58
CA PHE A 148 -14.92 9.77 18.52
C PHE A 148 -14.37 9.46 17.13
N LEU A 149 -13.49 8.46 17.12
CA LEU A 149 -12.94 8.00 15.84
C LEU A 149 -14.04 7.09 15.23
N LYS A 150 -14.22 7.28 13.97
CA LYS A 150 -15.10 6.41 13.21
C LYS A 150 -14.20 5.78 12.14
N PHE A 151 -13.42 4.81 12.64
CA PHE A 151 -12.48 4.08 11.77
C PHE A 151 -12.97 2.65 11.52
N PRO A 152 -12.86 2.23 10.28
CA PRO A 152 -13.24 0.86 9.89
C PRO A 152 -12.15 -0.13 10.21
N LEU A 153 -11.90 -0.43 11.45
CA LEU A 153 -10.75 -1.27 11.88
C LEU A 153 -10.81 -2.69 11.46
N GLU A 154 -11.99 -3.11 10.98
CA GLU A 154 -12.10 -4.49 10.44
C GLU A 154 -11.33 -4.63 9.17
N SER A 155 -10.95 -3.56 8.50
CA SER A 155 -10.17 -3.47 7.30
C SER A 155 -8.68 -3.23 7.59
N TRP A 156 -8.33 -3.22 8.87
CA TRP A 156 -6.92 -2.94 9.26
C TRP A 156 -6.38 -4.05 10.15
N THR A 157 -5.08 -4.20 10.19
CA THR A 157 -4.43 -5.24 10.99
C THR A 157 -3.46 -4.58 12.01
N LYS A 158 -3.65 -4.93 13.26
CA LYS A 158 -2.71 -4.45 14.31
C LYS A 158 -1.44 -5.26 14.21
N GLN A 159 -0.33 -4.60 13.97
CA GLN A 159 0.96 -5.33 13.83
C GLN A 159 1.58 -5.60 15.22
N PRO A 160 2.53 -6.56 15.20
CA PRO A 160 3.31 -6.85 16.43
C PRO A 160 4.17 -5.67 16.80
N LYS A 161 4.59 -5.56 18.06
CA LYS A 161 5.46 -4.43 18.50
C LYS A 161 6.75 -4.39 17.69
N SER A 162 7.26 -5.54 17.23
CA SER A 162 8.51 -5.47 16.44
C SER A 162 8.33 -4.55 15.21
N GLU A 163 7.14 -4.65 14.61
CA GLU A 163 6.91 -3.78 13.40
C GLU A 163 6.84 -2.35 13.74
N LEU A 164 6.20 -2.01 14.85
CA LEU A 164 6.16 -0.64 15.31
C LEU A 164 7.58 -0.17 15.55
N GLN A 165 8.33 -1.04 16.26
CA GLN A 165 9.73 -0.66 16.61
C GLN A 165 10.47 -0.26 15.35
N LYS A 166 10.35 -1.12 14.36
CA LYS A 166 11.00 -0.89 13.05
C LYS A 166 10.55 0.47 12.47
N PHE A 167 9.28 0.78 12.57
CA PHE A 167 8.72 2.04 12.07
C PHE A 167 9.32 3.26 12.73
N VAL A 168 9.36 3.32 14.06
CA VAL A 168 9.86 4.44 14.81
C VAL A 168 11.34 4.47 14.97
N GLY A 169 12.11 3.50 14.54
CA GLY A 169 13.57 3.48 14.64
C GLY A 169 14.10 3.46 16.04
N ASP A 170 14.87 4.47 16.44
CA ASP A 170 15.52 4.66 17.72
C ASP A 170 14.63 4.97 18.92
N THR A 171 13.45 5.51 18.74
CA THR A 171 12.53 5.86 19.81
C THR A 171 12.29 4.66 20.74
N VAL A 172 12.39 4.99 22.02
CA VAL A 172 12.15 4.02 23.10
C VAL A 172 10.64 3.83 23.22
N LEU A 173 10.21 2.60 23.20
CA LEU A 173 8.81 2.22 23.37
C LEU A 173 8.61 1.43 24.68
N GLU A 174 8.09 2.14 25.67
CA GLU A 174 7.78 1.46 26.97
C GLU A 174 6.42 0.83 26.86
N ASP A 175 6.15 -0.17 27.67
CA ASP A 175 4.86 -0.89 27.68
C ASP A 175 3.98 -0.49 28.86
N ASP A 176 2.66 -0.51 28.72
CA ASP A 176 1.73 -0.17 29.79
C ASP A 176 2.15 1.05 30.58
N ILE A 177 2.30 2.17 29.91
CA ILE A 177 2.71 3.41 30.52
C ILE A 177 1.53 3.88 31.42
N LYS A 178 1.86 4.27 32.62
CA LYS A 178 0.78 4.77 33.53
C LYS A 178 1.00 6.18 33.91
N GLU A 179 -0.05 6.98 33.83
CA GLU A 179 -0.07 8.39 34.20
C GLU A 179 -1.43 8.66 34.83
N GLY A 180 -1.41 8.85 36.17
CA GLY A 180 -2.72 9.03 36.85
C GLY A 180 -3.47 7.71 36.69
N ASP A 181 -4.74 7.75 36.34
CA ASP A 181 -5.49 6.50 36.19
C ASP A 181 -5.40 5.87 34.80
N PHE A 182 -4.71 6.53 33.92
CA PHE A 182 -4.61 6.02 32.51
C PHE A 182 -3.41 5.12 32.34
N THR A 183 -3.60 4.09 31.54
CA THR A 183 -2.60 3.14 31.09
C THR A 183 -2.63 3.18 29.53
N TYR A 184 -1.49 3.25 28.94
CA TYR A 184 -1.53 3.30 27.42
C TYR A 184 -0.38 2.56 26.81
N ASN A 185 -0.57 2.23 25.54
CA ASN A 185 0.40 1.53 24.70
C ASN A 185 0.28 2.13 23.23
N TYR A 186 1.42 2.07 22.63
CA TYR A 186 1.56 2.55 21.21
C TYR A 186 1.34 1.39 20.30
N THR A 187 0.60 1.58 19.20
CA THR A 187 0.34 0.43 18.27
C THR A 187 0.52 0.97 16.83
N LEU A 188 0.74 0.06 15.90
CA LEU A 188 0.84 0.36 14.47
C LEU A 188 -0.17 -0.54 13.77
N TRP A 189 -0.91 -0.03 12.80
CA TRP A 189 -1.87 -0.86 12.08
C TRP A 189 -1.62 -0.67 10.56
N THR A 190 -1.84 -1.65 9.74
CA THR A 190 -1.69 -1.46 8.30
C THR A 190 -2.93 -2.06 7.64
N ARG A 191 -3.19 -1.69 6.39
CA ARG A 191 -4.40 -2.23 5.74
C ARG A 191 -4.24 -3.74 5.42
N LYS A 192 -5.37 -4.42 5.56
CA LYS A 192 -5.41 -5.85 5.13
C LYS A 192 -5.41 -5.96 3.63
N MET B 1 -15.17 2.75 -0.30
CA MET B 1 -13.81 3.16 -0.79
C MET B 1 -13.58 2.52 -2.16
N LEU B 2 -13.07 3.31 -3.10
CA LEU B 2 -12.79 2.70 -4.43
C LEU B 2 -11.47 1.92 -4.36
N LYS B 3 -11.56 0.78 -5.05
CA LYS B 3 -10.38 -0.13 -5.04
C LYS B 3 -10.14 -0.61 -6.47
N PRO B 4 -8.85 -0.81 -6.76
CA PRO B 4 -8.46 -1.34 -8.09
C PRO B 4 -8.82 -2.81 -8.20
N ASN B 5 -8.80 -3.27 -9.45
CA ASN B 5 -9.11 -4.73 -9.69
C ASN B 5 -7.76 -5.41 -10.06
N VAL B 6 -7.33 -6.24 -9.16
CA VAL B 6 -5.92 -6.79 -9.27
C VAL B 6 -5.85 -8.27 -9.33
N ALA B 7 -4.90 -8.78 -10.17
CA ALA B 7 -4.70 -10.22 -10.28
C ALA B 7 -3.17 -10.46 -10.44
N ILE B 8 -2.77 -11.62 -9.95
CA ILE B 8 -1.39 -12.09 -10.14
C ILE B 8 -1.44 -13.03 -11.37
N ILE B 9 -0.46 -12.92 -12.24
CA ILE B 9 -0.46 -13.90 -13.39
C ILE B 9 0.96 -14.56 -13.32
N VAL B 10 0.93 -15.89 -13.30
CA VAL B 10 2.22 -16.66 -13.18
C VAL B 10 2.16 -17.97 -13.96
N ALA B 11 3.35 -18.52 -14.31
CA ALA B 11 3.43 -19.83 -15.01
C ALA B 11 4.40 -20.68 -14.10
N ALA B 12 3.94 -21.81 -13.66
CA ALA B 12 4.67 -22.62 -12.67
C ALA B 12 4.60 -24.11 -13.04
N LEU B 13 5.71 -24.81 -12.70
CA LEU B 13 5.77 -26.24 -12.98
C LEU B 13 5.33 -27.03 -11.76
N LYS B 14 4.43 -27.94 -12.01
CA LYS B 14 3.96 -28.87 -10.98
C LYS B 14 4.98 -30.00 -10.83
N PRO B 15 5.06 -30.58 -9.64
CA PRO B 15 4.30 -30.30 -8.48
C PRO B 15 4.83 -29.28 -7.52
N ALA B 16 6.10 -28.89 -7.59
CA ALA B 16 6.69 -27.95 -6.64
C ALA B 16 6.39 -26.49 -6.90
N LEU B 17 5.82 -26.15 -8.04
CA LEU B 17 5.53 -24.77 -8.40
C LEU B 17 6.78 -23.96 -8.61
N GLY B 18 7.69 -24.54 -9.43
CA GLY B 18 8.96 -23.80 -9.70
C GLY B 18 8.58 -22.71 -10.72
N ILE B 19 9.17 -21.56 -10.62
CA ILE B 19 8.90 -20.45 -11.48
C ILE B 19 10.08 -19.89 -12.21
N GLY B 20 11.32 -20.22 -11.74
CA GLY B 20 12.47 -19.67 -12.44
C GLY B 20 13.78 -20.27 -12.01
N TYR B 21 14.77 -19.91 -12.77
CA TYR B 21 16.16 -20.37 -12.45
C TYR B 21 17.07 -19.21 -12.81
N LYS B 22 17.71 -18.59 -11.87
CA LYS B 22 18.62 -17.47 -12.16
C LYS B 22 17.90 -16.35 -12.91
N GLY B 23 16.64 -16.13 -12.50
CA GLY B 23 15.85 -15.04 -13.06
C GLY B 23 15.20 -15.21 -14.37
N LYS B 24 15.22 -16.42 -14.92
CA LYS B 24 14.57 -16.72 -16.22
C LYS B 24 13.70 -17.95 -16.03
N MET B 25 12.72 -18.05 -16.92
CA MET B 25 11.83 -19.24 -16.91
C MET B 25 12.65 -20.34 -17.65
N PRO B 26 12.66 -21.50 -17.06
CA PRO B 26 13.39 -22.63 -17.59
C PRO B 26 12.78 -23.25 -18.84
N TRP B 27 11.77 -22.72 -19.43
CA TRP B 27 10.99 -23.21 -20.56
C TRP B 27 10.72 -22.08 -21.55
N ARG B 28 10.48 -22.45 -22.79
CA ARG B 28 10.16 -21.47 -23.85
C ARG B 28 8.88 -22.02 -24.51
N LEU B 29 7.77 -21.47 -24.07
CA LEU B 29 6.44 -21.94 -24.50
C LEU B 29 5.83 -20.80 -25.31
N ARG B 30 5.80 -21.02 -26.58
CA ARG B 30 5.34 -20.01 -27.53
C ARG B 30 3.88 -19.63 -27.32
N LYS B 31 2.99 -20.60 -27.13
CA LYS B 31 1.57 -20.30 -26.97
C LYS B 31 1.31 -19.56 -25.61
N GLU B 32 2.07 -20.01 -24.61
CA GLU B 32 1.97 -19.43 -23.23
C GLU B 32 2.30 -17.96 -23.22
N ILE B 33 3.36 -17.60 -23.91
CA ILE B 33 3.76 -16.16 -24.03
C ILE B 33 2.69 -15.34 -24.75
N ARG B 34 2.05 -15.99 -25.73
CA ARG B 34 0.98 -15.25 -26.46
C ARG B 34 -0.20 -15.09 -25.53
N TYR B 35 -0.55 -16.07 -24.72
CA TYR B 35 -1.63 -15.97 -23.77
C TYR B 35 -1.35 -14.82 -22.79
N PHE B 36 -0.13 -14.81 -22.27
CA PHE B 36 0.28 -13.71 -21.34
C PHE B 36 0.01 -12.34 -21.97
N LYS B 37 0.52 -12.15 -23.16
CA LYS B 37 0.35 -10.86 -23.89
C LYS B 37 -1.13 -10.59 -24.06
N ASP B 38 -1.94 -11.48 -24.60
CA ASP B 38 -3.35 -11.32 -24.81
C ASP B 38 -4.14 -10.97 -23.53
N VAL B 39 -3.96 -11.74 -22.49
CA VAL B 39 -4.72 -11.53 -21.24
C VAL B 39 -4.31 -10.21 -20.58
N THR B 40 -3.05 -9.91 -20.52
CA THR B 40 -2.65 -8.65 -19.86
C THR B 40 -3.00 -7.43 -20.71
N THR B 41 -3.21 -7.60 -22.03
CA THR B 41 -3.49 -6.42 -22.91
C THR B 41 -4.92 -6.16 -23.06
N ARG B 42 -5.73 -7.21 -23.09
CA ARG B 42 -7.16 -7.14 -23.43
C ARG B 42 -7.95 -6.32 -22.44
N THR B 43 -8.82 -5.47 -23.03
CA THR B 43 -9.76 -4.69 -22.19
C THR B 43 -11.19 -4.86 -22.69
N THR B 44 -12.13 -4.36 -21.92
CA THR B 44 -13.55 -4.55 -22.35
C THR B 44 -13.98 -3.53 -23.37
N LYS B 45 -13.35 -2.42 -23.50
CA LYS B 45 -13.78 -1.34 -24.41
C LYS B 45 -12.56 -0.71 -25.04
N PRO B 46 -12.77 -0.20 -26.27
CA PRO B 46 -11.68 0.39 -27.04
C PRO B 46 -11.14 1.59 -26.29
N ASN B 47 -9.92 1.99 -26.53
CA ASN B 47 -9.34 3.20 -25.97
C ASN B 47 -9.22 3.18 -24.44
N THR B 48 -8.97 2.01 -23.92
CA THR B 48 -8.68 1.76 -22.49
C THR B 48 -7.47 0.81 -22.44
N ARG B 49 -6.87 0.68 -21.23
CA ARG B 49 -5.71 -0.22 -21.11
C ARG B 49 -5.61 -0.77 -19.68
N ASN B 50 -4.73 -1.73 -19.52
CA ASN B 50 -4.46 -2.31 -18.16
C ASN B 50 -3.06 -1.84 -17.72
N ALA B 51 -2.72 -2.14 -16.47
CA ALA B 51 -1.36 -1.84 -15.96
C ALA B 51 -0.69 -3.17 -15.68
N VAL B 52 0.62 -3.21 -15.77
CA VAL B 52 1.40 -4.37 -15.38
C VAL B 52 2.38 -3.83 -14.31
N ILE B 53 2.40 -4.49 -13.16
CA ILE B 53 3.29 -4.12 -12.05
C ILE B 53 4.38 -5.23 -12.01
N MET B 54 5.60 -4.78 -11.88
CA MET B 54 6.78 -5.70 -11.87
C MET B 54 7.87 -5.15 -10.94
N GLY B 55 8.75 -6.07 -10.52
CA GLY B 55 9.92 -5.67 -9.71
C GLY B 55 11.03 -5.19 -10.64
N ARG B 56 11.99 -4.41 -10.09
CA ARG B 56 13.12 -3.91 -10.91
C ARG B 56 13.89 -5.01 -11.60
N LYS B 57 14.09 -6.14 -10.93
CA LYS B 57 14.88 -7.22 -11.56
C LYS B 57 14.20 -7.72 -12.81
N THR B 58 12.90 -7.92 -12.83
CA THR B 58 12.16 -8.36 -13.99
C THR B 58 12.27 -7.33 -15.11
N TRP B 59 12.11 -6.06 -14.74
CA TRP B 59 12.21 -5.00 -15.81
C TRP B 59 13.56 -5.11 -16.53
N GLU B 60 14.62 -5.10 -15.74
CA GLU B 60 15.97 -5.12 -16.31
C GLU B 60 16.25 -6.35 -17.13
N SER B 61 15.52 -7.41 -16.88
CA SER B 61 15.72 -8.63 -17.63
C SER B 61 15.08 -8.60 -18.97
N ILE B 62 14.32 -7.55 -19.31
CA ILE B 62 13.69 -7.42 -20.62
C ILE B 62 14.67 -6.59 -21.47
N PRO B 63 14.99 -7.11 -22.63
CA PRO B 63 15.90 -6.37 -23.57
C PRO B 63 15.30 -4.99 -23.81
N GLN B 64 16.18 -3.98 -23.80
CA GLN B 64 15.76 -2.59 -23.89
C GLN B 64 14.87 -2.22 -25.05
N LYS B 65 14.99 -2.97 -26.17
CA LYS B 65 14.17 -2.66 -27.35
C LYS B 65 12.73 -3.21 -27.12
N PHE B 66 12.63 -4.10 -26.14
CA PHE B 66 11.35 -4.71 -25.84
C PHE B 66 10.59 -4.13 -24.67
N ARG B 67 11.13 -3.06 -24.14
CA ARG B 67 10.40 -2.40 -22.99
C ARG B 67 10.10 -0.98 -23.41
N PRO B 68 9.02 -0.38 -22.95
CA PRO B 68 8.08 -1.02 -21.99
C PRO B 68 7.23 -2.04 -22.76
N LEU B 69 6.60 -2.93 -21.99
CA LEU B 69 5.67 -3.90 -22.63
C LEU B 69 4.60 -3.03 -23.29
N PRO B 70 4.37 -3.27 -24.57
CA PRO B 70 3.43 -2.45 -25.32
C PRO B 70 2.00 -2.56 -24.91
N ASP B 71 1.28 -1.47 -25.05
CA ASP B 71 -0.17 -1.37 -24.92
C ASP B 71 -0.66 -1.48 -23.46
N ARG B 72 0.31 -1.43 -22.57
CA ARG B 72 -0.07 -1.48 -21.12
C ARG B 72 0.79 -0.46 -20.38
N LEU B 73 0.20 -0.01 -19.26
CA LEU B 73 0.95 0.93 -18.38
C LEU B 73 1.94 0.09 -17.58
N ASN B 74 3.22 0.42 -17.64
CA ASN B 74 4.24 -0.41 -16.95
C ASN B 74 4.61 0.31 -15.64
N ILE B 75 4.50 -0.35 -14.52
CA ILE B 75 4.89 0.25 -13.22
C ILE B 75 6.06 -0.64 -12.71
N ILE B 76 7.12 -0.01 -12.35
CA ILE B 76 8.30 -0.80 -11.88
C ILE B 76 8.58 -0.36 -10.42
N LEU B 77 8.76 -1.33 -9.56
CA LEU B 77 9.09 -1.12 -8.16
C LEU B 77 10.60 -1.24 -7.87
N SER B 78 11.07 -0.29 -7.09
CA SER B 78 12.47 -0.37 -6.58
C SER B 78 12.43 0.37 -5.25
N ARG B 79 13.17 -0.20 -4.27
CA ARG B 79 13.24 0.54 -2.99
C ARG B 79 14.11 1.76 -3.16
N SER B 80 14.79 1.92 -4.25
CA SER B 80 15.62 3.09 -4.54
C SER B 80 14.94 4.17 -5.35
N TYR B 81 13.73 3.91 -5.81
CA TYR B 81 13.11 4.97 -6.67
C TYR B 81 12.34 5.97 -5.86
N GLU B 82 12.07 7.08 -6.52
CA GLU B 82 11.08 8.07 -5.99
C GLU B 82 9.84 7.79 -6.87
N ASN B 83 8.68 8.03 -6.42
CA ASN B 83 7.44 7.86 -7.27
C ASN B 83 7.63 8.92 -8.40
N GLU B 84 7.57 8.41 -9.62
CA GLU B 84 7.79 9.37 -10.77
C GLU B 84 7.12 8.81 -12.01
N ILE B 85 6.43 9.70 -12.71
CA ILE B 85 5.86 9.30 -14.00
C ILE B 85 6.96 9.65 -15.07
N ILE B 86 7.47 8.62 -15.70
CA ILE B 86 8.52 8.90 -16.72
C ILE B 86 7.86 9.46 -17.96
N ASP B 87 6.86 8.66 -18.37
CA ASP B 87 6.06 9.07 -19.58
C ASP B 87 4.69 8.39 -19.47
N ASP B 88 3.92 8.38 -20.56
CA ASP B 88 2.56 7.80 -20.49
C ASP B 88 2.57 6.31 -20.21
N ASN B 89 3.67 5.66 -20.52
CA ASN B 89 3.75 4.18 -20.42
C ASN B 89 4.59 3.64 -19.30
N ILE B 90 5.38 4.47 -18.63
CA ILE B 90 6.26 4.01 -17.57
C ILE B 90 6.12 4.89 -16.33
N ILE B 91 5.99 4.19 -15.18
CA ILE B 91 5.95 4.82 -13.87
C ILE B 91 6.98 4.02 -12.98
N HIS B 92 7.63 4.80 -12.14
CA HIS B 92 8.51 4.19 -11.07
C HIS B 92 7.76 4.39 -9.75
N ALA B 93 7.74 3.37 -8.90
CA ALA B 93 7.04 3.43 -7.61
C ALA B 93 8.02 2.89 -6.53
N SER B 94 7.98 3.57 -5.38
CA SER B 94 8.99 3.22 -4.32
C SER B 94 8.43 2.22 -3.34
N SER B 95 7.15 1.86 -3.41
CA SER B 95 6.53 0.89 -2.53
C SER B 95 5.35 0.22 -3.17
N ILE B 96 4.96 -0.95 -2.60
CA ILE B 96 3.73 -1.59 -3.16
C ILE B 96 2.53 -0.67 -2.98
N GLU B 97 2.40 -0.02 -1.82
CA GLU B 97 1.24 0.86 -1.58
C GLU B 97 1.17 1.96 -2.61
N SER B 98 2.32 2.57 -2.92
CA SER B 98 2.31 3.66 -3.93
C SER B 98 1.93 3.11 -5.30
N SER B 99 2.46 1.94 -5.60
CA SER B 99 2.17 1.31 -6.94
C SER B 99 0.66 1.13 -7.14
N LEU B 100 -0.08 0.77 -6.08
CA LEU B 100 -1.53 0.58 -6.15
C LEU B 100 -2.29 1.88 -6.10
N ASN B 101 -1.62 2.97 -5.90
CA ASN B 101 -2.20 4.31 -5.95
C ASN B 101 -1.91 4.96 -7.30
N LEU B 102 -1.18 4.30 -8.16
CA LEU B 102 -0.86 4.94 -9.47
C LEU B 102 -1.53 4.19 -10.62
N VAL B 103 -2.68 3.60 -10.39
CA VAL B 103 -3.38 2.85 -11.48
C VAL B 103 -4.81 3.39 -11.64
N SER B 104 -4.95 4.72 -11.49
CA SER B 104 -6.33 5.33 -11.53
C SER B 104 -6.94 5.33 -12.95
N ASP B 105 -6.14 5.26 -13.96
CA ASP B 105 -6.57 5.38 -15.34
C ASP B 105 -6.70 4.05 -16.05
N VAL B 106 -6.59 2.91 -15.39
CA VAL B 106 -6.63 1.60 -16.08
C VAL B 106 -7.80 0.78 -15.66
N GLU B 107 -8.12 -0.23 -16.44
CA GLU B 107 -9.20 -1.17 -16.15
C GLU B 107 -8.79 -2.29 -15.18
N ARG B 108 -7.81 -3.08 -15.48
CA ARG B 108 -7.36 -4.16 -14.53
C ARG B 108 -5.86 -3.94 -14.29
N VAL B 109 -5.37 -4.46 -13.18
CA VAL B 109 -3.95 -4.37 -12.83
C VAL B 109 -3.45 -5.79 -12.79
N PHE B 110 -2.36 -6.13 -13.41
CA PHE B 110 -1.72 -7.45 -13.36
C PHE B 110 -0.31 -7.37 -12.68
N ILE B 111 -0.12 -8.19 -11.64
CA ILE B 111 1.17 -8.28 -10.99
C ILE B 111 1.90 -9.38 -11.82
N ILE B 112 2.96 -9.04 -12.51
CA ILE B 112 3.56 -10.03 -13.42
C ILE B 112 4.83 -10.70 -12.93
N GLY B 113 5.35 -10.16 -11.83
CA GLY B 113 6.60 -10.82 -11.27
C GLY B 113 7.58 -9.80 -10.76
N GLY B 114 8.75 -10.22 -10.23
CA GLY B 114 9.19 -11.60 -10.14
C GLY B 114 8.76 -12.24 -8.82
N ALA B 115 9.64 -13.17 -8.37
CA ALA B 115 9.41 -13.98 -7.17
C ALA B 115 9.13 -13.18 -5.93
N GLU B 116 9.97 -12.16 -5.69
CA GLU B 116 9.78 -11.34 -4.46
C GLU B 116 8.47 -10.62 -4.48
N ILE B 117 8.13 -10.07 -5.67
CA ILE B 117 6.85 -9.33 -5.78
C ILE B 117 5.69 -10.25 -5.54
N TYR B 118 5.74 -11.43 -6.19
CA TYR B 118 4.62 -12.39 -5.96
C TYR B 118 4.43 -12.65 -4.45
N ASN B 119 5.54 -12.91 -3.80
CA ASN B 119 5.49 -13.28 -2.38
C ASN B 119 5.02 -12.15 -1.53
N GLU B 120 5.18 -10.90 -1.92
CA GLU B 120 4.68 -9.76 -1.17
C GLU B 120 3.22 -9.46 -1.49
N LEU B 121 2.75 -9.83 -2.64
CA LEU B 121 1.36 -9.40 -2.99
C LEU B 121 0.34 -10.46 -2.72
N ILE B 122 0.76 -11.69 -2.55
CA ILE B 122 -0.23 -12.79 -2.41
C ILE B 122 -1.21 -12.59 -1.25
N ASN B 123 -0.73 -11.96 -0.19
CA ASN B 123 -1.66 -11.74 0.96
C ASN B 123 -2.37 -10.40 0.98
N ASN B 124 -2.22 -9.60 -0.05
CA ASN B 124 -2.84 -8.26 -0.11
C ASN B 124 -4.31 -8.50 -0.46
N SER B 125 -5.23 -7.99 0.35
CA SER B 125 -6.67 -8.20 0.10
C SER B 125 -7.09 -7.61 -1.23
N LEU B 126 -6.33 -6.67 -1.80
CA LEU B 126 -6.67 -6.15 -3.13
C LEU B 126 -6.55 -7.23 -4.21
N VAL B 127 -5.66 -8.18 -4.05
CA VAL B 127 -5.52 -9.25 -5.10
C VAL B 127 -6.69 -10.23 -4.98
N SER B 128 -7.57 -10.29 -6.02
CA SER B 128 -8.72 -11.19 -5.86
C SER B 128 -8.72 -12.33 -6.86
N HIS B 129 -7.65 -12.37 -7.71
CA HIS B 129 -7.54 -13.48 -8.67
C HIS B 129 -6.08 -13.91 -8.86
N LEU B 130 -5.86 -15.21 -9.00
CA LEU B 130 -4.55 -15.76 -9.42
C LEU B 130 -4.82 -16.42 -10.78
N LEU B 131 -4.05 -16.07 -11.75
CA LEU B 131 -4.16 -16.76 -13.09
C LEU B 131 -2.88 -17.63 -13.17
N ILE B 132 -2.99 -18.92 -12.93
CA ILE B 132 -1.75 -19.73 -12.90
C ILE B 132 -1.76 -20.69 -14.10
N THR B 133 -0.68 -20.63 -14.84
CA THR B 133 -0.46 -21.61 -15.93
C THR B 133 0.24 -22.84 -15.23
N GLU B 134 -0.49 -23.91 -15.12
CA GLU B 134 0.09 -25.13 -14.45
C GLU B 134 0.76 -25.95 -15.59
N ILE B 135 2.08 -26.05 -15.40
CA ILE B 135 2.88 -26.78 -16.42
C ILE B 135 3.22 -28.17 -15.85
N GLU B 136 3.23 -29.15 -16.72
CA GLU B 136 3.62 -30.54 -16.26
C GLU B 136 4.65 -31.03 -17.28
N HIS B 137 5.49 -31.93 -16.73
CA HIS B 137 6.63 -32.48 -17.54
C HIS B 137 6.84 -33.92 -16.98
N PRO B 138 7.23 -34.83 -17.87
CA PRO B 138 7.43 -36.23 -17.41
C PRO B 138 8.47 -36.36 -16.34
N SER B 139 9.48 -35.57 -16.26
CA SER B 139 10.53 -35.64 -15.22
C SER B 139 10.94 -34.25 -14.80
N PRO B 140 10.03 -33.68 -14.01
CA PRO B 140 10.18 -32.33 -13.48
C PRO B 140 11.47 -32.06 -12.74
N GLU B 141 12.03 -33.09 -12.10
CA GLU B 141 13.30 -32.97 -11.35
C GLU B 141 14.49 -32.71 -12.25
N SER B 142 14.31 -32.96 -13.53
CA SER B 142 15.33 -32.73 -14.55
C SER B 142 15.46 -31.26 -14.94
N ILE B 143 14.49 -30.45 -14.52
CA ILE B 143 14.46 -29.02 -14.88
C ILE B 143 15.10 -28.24 -13.71
N GLU B 144 16.12 -27.52 -14.08
CA GLU B 144 16.85 -26.71 -13.09
C GLU B 144 16.03 -25.51 -12.61
N MET B 145 15.93 -25.43 -11.29
CA MET B 145 15.12 -24.38 -10.65
C MET B 145 15.59 -23.94 -9.29
N ASP B 146 15.55 -22.66 -9.00
CA ASP B 146 15.92 -22.13 -7.65
C ASP B 146 14.86 -21.20 -7.06
N THR B 147 13.73 -21.04 -7.73
CA THR B 147 12.68 -20.07 -7.31
C THR B 147 11.33 -20.76 -7.46
N PHE B 148 10.56 -20.71 -6.37
CA PHE B 148 9.26 -21.40 -6.29
C PHE B 148 8.18 -20.45 -5.76
N LEU B 149 6.92 -20.85 -5.99
CA LEU B 149 5.81 -20.01 -5.51
C LEU B 149 5.53 -20.51 -4.06
N LYS B 150 5.32 -19.56 -3.20
CA LYS B 150 4.96 -19.87 -1.78
C LYS B 150 3.57 -19.30 -1.54
N PHE B 151 2.61 -19.92 -2.22
CA PHE B 151 1.20 -19.49 -2.08
C PHE B 151 0.44 -20.47 -1.19
N PRO B 152 -0.41 -19.93 -0.35
CA PRO B 152 -1.24 -20.74 0.59
C PRO B 152 -2.50 -21.14 -0.21
N LEU B 153 -2.25 -22.02 -1.18
CA LEU B 153 -3.24 -22.46 -2.14
C LEU B 153 -4.44 -23.04 -1.50
N GLU B 154 -4.28 -23.50 -0.24
CA GLU B 154 -5.39 -24.01 0.55
C GLU B 154 -6.39 -22.92 0.91
N SER B 155 -6.03 -21.66 0.85
CA SER B 155 -6.81 -20.46 1.10
C SER B 155 -7.39 -19.89 -0.22
N TRP B 156 -7.24 -20.64 -1.30
CA TRP B 156 -7.72 -20.26 -2.63
C TRP B 156 -8.48 -21.44 -3.24
N THR B 157 -9.37 -21.16 -4.18
CA THR B 157 -10.20 -22.16 -4.79
C THR B 157 -9.95 -22.04 -6.31
N LYS B 158 -9.69 -23.18 -6.89
CA LYS B 158 -9.48 -23.16 -8.36
C LYS B 158 -10.86 -23.16 -9.00
N GLN B 159 -11.17 -22.22 -9.84
CA GLN B 159 -12.47 -22.12 -10.49
C GLN B 159 -12.56 -22.99 -11.75
N PRO B 160 -13.82 -23.25 -12.15
CA PRO B 160 -14.10 -24.01 -13.38
C PRO B 160 -13.60 -23.16 -14.55
N LYS B 161 -13.34 -23.84 -15.66
CA LYS B 161 -12.91 -23.22 -16.89
C LYS B 161 -13.84 -22.10 -17.34
N SER B 162 -15.12 -22.29 -17.16
CA SER B 162 -16.13 -21.31 -17.55
C SER B 162 -15.88 -19.98 -16.84
N GLU B 163 -15.34 -20.04 -15.64
CA GLU B 163 -15.02 -18.76 -14.94
C GLU B 163 -13.82 -18.10 -15.54
N LEU B 164 -12.82 -18.93 -15.92
CA LEU B 164 -11.65 -18.33 -16.61
C LEU B 164 -12.11 -17.75 -17.94
N GLN B 165 -12.92 -18.48 -18.69
CA GLN B 165 -13.39 -18.01 -19.98
C GLN B 165 -14.09 -16.67 -19.88
N LYS B 166 -14.87 -16.48 -18.81
CA LYS B 166 -15.53 -15.15 -18.68
C LYS B 166 -14.46 -14.10 -18.43
N PHE B 167 -13.48 -14.42 -17.61
CA PHE B 167 -12.40 -13.40 -17.31
C PHE B 167 -11.70 -12.96 -18.58
N VAL B 168 -11.30 -13.90 -19.46
CA VAL B 168 -10.47 -13.59 -20.61
C VAL B 168 -11.23 -13.19 -21.85
N GLY B 169 -12.54 -13.25 -21.79
CA GLY B 169 -13.40 -12.88 -22.94
C GLY B 169 -13.36 -13.87 -24.08
N ASP B 170 -12.99 -13.31 -25.25
CA ASP B 170 -12.87 -14.09 -26.49
C ASP B 170 -11.60 -14.93 -26.62
N THR B 171 -10.64 -14.87 -25.75
CA THR B 171 -9.39 -15.62 -25.87
C THR B 171 -9.71 -17.11 -25.96
N VAL B 172 -9.07 -17.79 -26.91
CA VAL B 172 -9.28 -19.27 -27.02
C VAL B 172 -8.39 -19.91 -25.95
N LEU B 173 -9.02 -20.82 -25.25
CA LEU B 173 -8.38 -21.59 -24.17
C LEU B 173 -8.41 -23.07 -24.53
N GLU B 174 -7.29 -23.54 -25.03
CA GLU B 174 -7.16 -24.99 -25.32
C GLU B 174 -6.74 -25.72 -24.08
N ASP B 175 -7.09 -26.98 -23.96
CA ASP B 175 -6.73 -27.80 -22.81
C ASP B 175 -5.47 -28.64 -23.18
N ASP B 176 -4.71 -28.93 -22.17
CA ASP B 176 -3.55 -29.84 -22.27
C ASP B 176 -2.72 -29.48 -23.47
N ILE B 177 -2.27 -28.20 -23.47
CA ILE B 177 -1.42 -27.77 -24.60
C ILE B 177 -0.05 -28.45 -24.48
N LYS B 178 0.42 -28.97 -25.63
CA LYS B 178 1.75 -29.59 -25.72
C LYS B 178 2.74 -28.75 -26.47
N GLU B 179 3.93 -28.60 -25.91
CA GLU B 179 5.05 -27.93 -26.57
C GLU B 179 6.29 -28.69 -26.15
N GLY B 180 6.84 -29.49 -27.08
CA GLY B 180 8.03 -30.32 -26.66
C GLY B 180 7.55 -31.34 -25.62
N ASP B 181 8.24 -31.42 -24.51
CA ASP B 181 7.90 -32.35 -23.44
C ASP B 181 6.89 -31.76 -22.41
N PHE B 182 6.61 -30.48 -22.60
CA PHE B 182 5.72 -29.78 -21.65
C PHE B 182 4.27 -29.94 -22.08
N THR B 183 3.42 -29.98 -21.05
CA THR B 183 1.94 -30.00 -21.23
C THR B 183 1.43 -28.96 -20.21
N TYR B 184 0.53 -28.08 -20.67
CA TYR B 184 0.00 -27.08 -19.67
C TYR B 184 -1.44 -26.73 -19.91
N ASN B 185 -1.98 -26.08 -18.86
CA ASN B 185 -3.39 -25.65 -18.81
C ASN B 185 -3.45 -24.25 -18.09
N TYR B 186 -4.42 -23.47 -18.51
CA TYR B 186 -4.57 -22.11 -17.82
C TYR B 186 -5.60 -22.26 -16.74
N THR B 187 -5.45 -21.64 -15.62
CA THR B 187 -6.39 -21.77 -14.49
C THR B 187 -6.65 -20.43 -13.83
N LEU B 188 -7.82 -20.35 -13.19
CA LEU B 188 -8.18 -19.12 -12.44
C LEU B 188 -8.50 -19.55 -11.01
N TRP B 189 -8.02 -18.80 -10.04
CA TRP B 189 -8.26 -19.12 -8.60
C TRP B 189 -8.85 -17.85 -7.96
N THR B 190 -9.71 -18.01 -6.98
CA THR B 190 -10.30 -16.88 -6.19
C THR B 190 -10.14 -17.27 -4.72
N ARG B 191 -10.24 -16.34 -3.81
CA ARG B 191 -10.07 -16.55 -2.37
C ARG B 191 -11.19 -17.36 -1.73
N LYS B 192 -10.77 -18.19 -0.80
CA LYS B 192 -11.72 -19.02 0.00
C LYS B 192 -12.20 -18.14 1.19
PA NDP C . -10.31 19.79 12.56
O1A NDP C . -10.54 18.50 12.05
O2A NDP C . -8.98 20.16 13.04
O5B NDP C . -10.68 20.95 11.47
C5B NDP C . -11.88 20.76 10.69
C4B NDP C . -11.71 21.80 9.55
O4B NDP C . -10.69 21.33 8.65
C3B NDP C . -12.99 21.91 8.68
O3B NDP C . -13.84 22.89 9.34
C2B NDP C . -12.32 22.41 7.34
O2B NDP C . -11.78 23.75 7.42
C1B NDP C . -11.04 21.56 7.34
N9A NDP C . -11.29 20.33 6.67
C8A NDP C . -11.92 19.25 7.27
N7A NDP C . -12.03 18.22 6.45
C5A NDP C . -11.42 18.69 5.30
C6A NDP C . -11.28 18.02 4.07
N6A NDP C . -11.70 16.74 3.93
N1A NDP C . -10.66 18.72 3.09
C2A NDP C . -10.27 20.02 3.34
N3A NDP C . -10.40 20.73 4.43
C4A NDP C . -10.98 19.97 5.41
O3 NDP C . -11.33 20.17 13.71
PN NDP C . -12.32 19.29 14.62
O1N NDP C . -11.47 18.58 15.64
O2N NDP C . -13.18 18.39 13.85
O5D NDP C . -13.20 20.40 15.35
C5D NDP C . -12.85 20.93 16.63
C4D NDP C . -14.09 21.70 17.14
O4D NDP C . -15.10 20.76 17.59
C3D NDP C . -13.83 22.76 18.16
P2B NDP C . -12.84 24.87 6.83
O1X NDP C . -11.94 26.12 6.87
O2X NDP C . -13.30 24.36 5.57
O3X NDP C . -13.93 24.94 7.83
C1 TQ5 D . -0.87 13.61 20.37
C2 TQ5 D . -1.43 14.18 19.20
C3 TQ5 D . -1.75 13.20 18.12
N4 TQ5 D . -1.56 11.94 18.25
C5 TQ5 D . -0.93 11.40 19.31
N6 TQ5 D . -0.71 12.19 20.45
N7 TQ5 D . -2.22 13.53 16.91
C8 TQ5 D . -0.50 14.43 21.44
C9 TQ5 D . -0.72 15.78 21.41
C12 TQ5 D . -1.25 16.39 20.28
C13 TQ5 D . -1.63 15.56 19.18
N14 TQ5 D . -0.77 10.10 19.42
S20 TQ5 D . -2.27 16.47 17.80
C22 TQ5 D . -4.05 16.41 18.14
C23 TQ5 D . -4.75 15.55 18.97
C24 TQ5 D . -6.12 15.46 19.16
C25 TQ5 D . -7.00 16.44 18.49
C26 TQ5 D . -6.31 17.26 17.66
C27 TQ5 D . -4.92 17.31 17.47
C32 TQ5 D . -8.47 16.46 18.84
C33 TQ5 D . -9.43 17.28 17.96
C37 TQ5 D . -8.97 15.04 18.92
C41 TQ5 D . -8.71 17.18 20.26
O1 MES E . -1.70 20.27 20.58
C2 MES E . -1.04 20.31 19.17
C3 MES E . 0.36 19.71 19.14
N4 MES E . 1.31 20.12 20.27
C5 MES E . 0.58 19.98 21.67
C6 MES E . -0.72 20.88 21.62
C7 MES E . 2.69 19.50 20.29
C8 MES E . 3.83 20.13 19.57
S MES E . 5.05 19.39 19.58
O1S MES E . 5.10 18.33 18.66
O2S MES E . 6.09 20.40 19.25
O3S MES E . 5.41 18.89 20.91
PA NDP F . 11.74 -9.14 -8.91
O1A NDP F . 10.72 -9.69 -8.04
O2A NDP F . 11.54 -9.02 -10.33
O5B NDP F . 12.43 -7.81 -8.37
C5B NDP F . 12.75 -7.61 -6.97
C4B NDP F . 13.06 -6.14 -6.74
O4B NDP F . 11.82 -5.38 -6.74
C3B NDP F . 13.67 -5.87 -5.34
O3B NDP F . 15.10 -6.16 -5.42
C2B NDP F . 13.36 -4.35 -5.26
O2B NDP F . 14.13 -3.51 -6.16
C1B NDP F . 11.93 -4.37 -5.85
N9A NDP F . 10.99 -4.49 -4.80
C8A NDP F . 10.57 -5.66 -4.22
N7A NDP F . 9.70 -5.41 -3.26
C5A NDP F . 9.63 -4.04 -3.18
C6A NDP F . 8.81 -3.21 -2.36
N6A NDP F . 8.08 -3.66 -1.37
N1A NDP F . 8.94 -1.86 -2.57
C2A NDP F . 9.79 -1.42 -3.53
N3A NDP F . 10.54 -2.13 -4.36
C4A NDP F . 10.35 -3.46 -4.16
O3 NDP F . 13.04 -10.11 -8.76
PN NDP F . 13.13 -11.68 -8.28
O1N NDP F . 12.43 -12.54 -9.24
O2N NDP F . 12.71 -11.80 -6.89
O5D NDP F . 14.72 -11.92 -8.38
C5D NDP F . 15.43 -12.23 -9.58
C4D NDP F . 16.74 -12.98 -9.25
O4D NDP F . 17.40 -12.27 -8.14
C3D NDP F . 16.72 -14.40 -8.71
P2B NDP F . 15.57 -2.89 -5.67
O1X NDP F . 15.91 -1.95 -6.78
O2X NDP F . 15.22 -2.25 -4.38
O3X NDP F . 16.52 -3.98 -5.44
C1 TQ5 G . 4.45 -15.30 -18.63
C2 TQ5 G . 4.77 -14.37 -17.61
C3 TQ5 G . 3.88 -14.41 -16.45
N4 TQ5 G . 2.88 -15.20 -16.37
C5 TQ5 G . 2.54 -16.06 -17.28
N6 TQ5 G . 3.40 -16.24 -18.39
N7 TQ5 G . 3.94 -13.57 -15.37
C8 TQ5 G . 5.19 -15.43 -19.84
C9 TQ5 G . 6.26 -14.56 -20.00
C12 TQ5 G . 6.57 -13.62 -19.03
C13 TQ5 G . 5.87 -13.52 -17.83
N14 TQ5 G . 1.46 -16.88 -17.24
S20 TQ5 G . 6.39 -12.23 -16.70
C22 TQ5 G . 7.52 -13.04 -15.62
C23 TQ5 G . 7.56 -14.42 -15.35
C24 TQ5 G . 8.51 -14.99 -14.47
C25 TQ5 G . 9.47 -14.27 -13.74
C26 TQ5 G . 9.41 -12.92 -14.01
C27 TQ5 G . 8.46 -12.32 -14.86
C32 TQ5 G . 10.48 -14.96 -12.84
C33 TQ5 G . 11.48 -14.02 -12.14
C37 TQ5 G . 9.78 -15.79 -11.76
C41 TQ5 G . 11.34 -16.00 -13.63
O1 MES H . 9.76 -11.82 -20.54
C2 MES H . 8.98 -10.56 -20.13
C3 MES H . 7.61 -10.45 -20.79
N4 MES H . 7.65 -10.67 -22.32
C5 MES H . 8.34 -11.99 -22.69
C6 MES H . 9.75 -12.08 -22.06
C7 MES H . 6.26 -10.56 -22.94
C8 MES H . 5.99 -9.30 -23.72
S MES H . 4.69 -9.25 -24.27
O1S MES H . 3.61 -9.25 -23.36
O2S MES H . 4.66 -7.91 -24.98
O3S MES H . 4.49 -10.24 -25.31
#